data_2RTQ
#
_entry.id   2RTQ
#
_cell.length_a   94.820
_cell.length_b   105.270
_cell.length_c   47.220
_cell.angle_alpha   90.00
_cell.angle_beta   90.00
_cell.angle_gamma   90.00
#
_symmetry.space_group_name_H-M   'I 2 2 2'
#
loop_
_entity.id
_entity.type
_entity.pdbx_description
1 polymer STREPTAVIDIN
2 non-polymer 2-IMINOBIOTIN
3 water water
#
_entity_poly.entity_id   1
_entity_poly.type   'polypeptide(L)'
_entity_poly.pdbx_seq_one_letter_code
;DPSKDSKAQVSAAEAGITGTWYNQLGSTFIVTAGADGALTGTYESAVGNAESRYVLTGRYDSAPATDGSGTALGWTVAWK
NNYRNAHSATTWSGQYVGGAEARINTQWLLTSGTTEANAWKSTLVGHDTFTKVKP
;
_entity_poly.pdbx_strand_id   B,D
#
loop_
_chem_comp.id
_chem_comp.type
_chem_comp.name
_chem_comp.formula
IMI non-polymer 2-IMINOBIOTIN 'C10 H17 N3 O2 S'
#
# COMPACT_ATOMS: atom_id res chain seq x y z
N ALA A 13 6.94 16.20 3.59
CA ALA A 13 7.52 16.66 4.91
C ALA A 13 6.76 15.81 5.89
N GLU A 14 7.40 15.19 6.85
CA GLU A 14 6.60 14.35 7.79
C GLU A 14 5.48 15.17 8.46
N ALA A 15 5.91 16.27 9.00
CA ALA A 15 5.01 17.22 9.70
C ALA A 15 3.73 17.49 8.93
N GLY A 16 3.90 17.91 7.71
CA GLY A 16 2.74 18.23 6.82
C GLY A 16 1.75 17.09 6.60
N ILE A 17 2.26 15.91 6.50
CA ILE A 17 1.35 14.76 6.28
C ILE A 17 0.71 14.39 7.60
N THR A 18 1.47 14.50 8.66
CA THR A 18 0.93 14.15 9.97
C THR A 18 -0.33 14.93 10.28
N GLY A 19 -1.34 14.22 10.73
CA GLY A 19 -2.63 14.86 11.06
C GLY A 19 -3.82 13.99 10.81
N THR A 20 -4.94 14.64 10.88
CA THR A 20 -6.23 13.97 10.66
C THR A 20 -6.70 14.46 9.32
N TRP A 21 -7.11 13.51 8.53
CA TRP A 21 -7.60 13.79 7.15
C TRP A 21 -8.97 13.10 6.93
N TYR A 22 -9.74 13.61 5.99
CA TYR A 22 -11.07 13.01 5.69
C TYR A 22 -11.23 13.01 4.20
N ASN A 23 -12.02 12.12 3.70
CA ASN A 23 -12.21 12.10 2.23
C ASN A 23 -13.67 12.31 1.98
N GLN A 24 -13.97 12.39 0.72
CA GLN A 24 -15.39 12.60 0.25
C GLN A 24 -16.43 11.56 0.73
N LEU A 25 -15.97 10.43 1.17
CA LEU A 25 -16.96 9.41 1.63
C LEU A 25 -17.22 9.64 3.10
N GLY A 26 -16.38 10.38 3.77
CA GLY A 26 -16.61 10.61 5.24
C GLY A 26 -15.70 9.67 6.09
N SER A 27 -14.70 9.09 5.46
CA SER A 27 -13.78 8.17 6.22
C SER A 27 -12.71 9.07 6.86
N THR A 28 -12.15 8.58 7.94
CA THR A 28 -11.09 9.31 8.73
C THR A 28 -9.78 8.57 8.56
N PHE A 29 -8.74 9.35 8.46
CA PHE A 29 -7.38 8.81 8.28
C PHE A 29 -6.54 9.62 9.30
N ILE A 30 -5.94 8.93 10.24
CA ILE A 30 -5.08 9.58 11.30
C ILE A 30 -3.71 9.04 10.98
N VAL A 31 -2.79 9.88 10.65
CA VAL A 31 -1.43 9.37 10.31
C VAL A 31 -0.30 10.20 10.91
N THR A 32 0.78 9.56 11.11
CA THR A 32 1.97 10.18 11.65
C THR A 32 3.04 9.80 10.64
N ALA A 33 3.74 10.79 10.17
CA ALA A 33 4.80 10.48 9.18
C ALA A 33 6.10 10.45 10.02
N GLY A 34 6.83 9.37 9.98
CA GLY A 34 8.08 9.27 10.75
C GLY A 34 9.24 9.74 9.86
N ALA A 35 10.28 10.15 10.49
CA ALA A 35 11.52 10.66 9.83
C ALA A 35 12.12 9.72 8.80
N ASP A 36 11.96 8.47 9.08
CA ASP A 36 12.49 7.41 8.17
C ASP A 36 11.57 7.16 6.93
N GLY A 37 10.58 7.98 6.63
CA GLY A 37 9.72 7.69 5.42
C GLY A 37 8.58 6.76 5.81
N ALA A 38 8.40 6.53 7.09
CA ALA A 38 7.30 5.61 7.55
C ALA A 38 6.04 6.31 7.85
N LEU A 39 4.94 5.68 7.58
CA LEU A 39 3.59 6.26 7.87
C LEU A 39 2.89 5.21 8.77
N THR A 40 2.27 5.56 9.87
CA THR A 40 1.57 4.57 10.72
C THR A 40 0.33 5.32 11.16
N GLY A 41 -0.69 4.63 11.55
CA GLY A 41 -1.90 5.36 11.98
C GLY A 41 -3.07 4.44 11.93
N THR A 42 -4.23 5.01 11.87
CA THR A 42 -5.48 4.24 11.82
C THR A 42 -6.44 4.86 10.76
N TYR A 43 -7.30 4.00 10.29
CA TYR A 43 -8.30 4.40 9.26
C TYR A 43 -9.68 4.01 9.78
N GLU A 44 -10.64 4.87 9.57
CA GLU A 44 -12.04 4.64 10.00
C GLU A 44 -12.79 4.81 8.66
N SER A 45 -13.41 3.79 8.13
CA SER A 45 -14.13 3.94 6.82
C SER A 45 -15.59 4.17 7.10
N ALA A 46 -16.14 4.88 6.17
CA ALA A 46 -17.57 5.23 6.25
C ALA A 46 -18.33 4.18 5.47
N VAL A 47 -17.65 3.43 4.67
CA VAL A 47 -18.36 2.40 3.88
C VAL A 47 -17.72 1.03 3.92
N GLY A 48 -18.46 0.11 3.35
CA GLY A 48 -18.00 -1.31 3.28
C GLY A 48 -18.29 -2.15 4.52
N ASN A 49 -17.81 -3.37 4.48
CA ASN A 49 -17.99 -4.35 5.61
C ASN A 49 -16.80 -4.05 6.54
N ALA A 50 -16.81 -2.85 7.06
CA ALA A 50 -15.74 -2.39 7.98
C ALA A 50 -16.35 -1.70 9.18
N GLU A 51 -15.98 -2.11 10.37
CA GLU A 51 -16.53 -1.44 11.59
C GLU A 51 -15.41 -1.07 12.60
N SER A 52 -15.30 0.20 12.87
CA SER A 52 -14.32 0.76 13.80
C SER A 52 -13.02 1.21 13.10
N ARG A 53 -11.95 1.19 13.84
CA ARG A 53 -10.64 1.60 13.32
C ARG A 53 -9.82 0.42 12.89
N TYR A 54 -8.99 0.64 11.91
CA TYR A 54 -8.09 -0.41 11.35
C TYR A 54 -6.68 0.23 11.32
N VAL A 55 -5.71 -0.58 11.49
CA VAL A 55 -4.30 -0.15 11.50
C VAL A 55 -3.87 0.06 10.07
N LEU A 56 -3.09 1.09 9.86
CA LEU A 56 -2.59 1.36 8.49
C LEU A 56 -1.07 1.57 8.62
N THR A 57 -0.37 1.22 7.56
CA THR A 57 1.09 1.36 7.52
C THR A 57 1.41 1.72 6.06
N GLY A 58 2.34 2.59 5.86
CA GLY A 58 2.72 3.00 4.51
C GLY A 58 4.12 3.58 4.55
N ARG A 59 4.45 4.21 3.46
CA ARG A 59 5.77 4.87 3.28
C ARG A 59 5.57 6.13 2.44
N TYR A 60 6.47 7.07 2.55
N TYR A 60 6.45 7.07 2.56
CA TYR A 60 6.35 8.31 1.74
CA TYR A 60 6.33 8.30 1.75
C TYR A 60 7.74 8.52 1.19
C TYR A 60 7.75 8.76 1.47
N ASP A 61 7.83 9.17 0.07
N ASP A 61 7.86 9.63 0.51
CA ASP A 61 9.15 9.43 -0.59
CA ASP A 61 9.21 10.17 0.11
C ASP A 61 9.67 10.84 -0.36
C ASP A 61 9.53 11.26 1.16
N SER A 62 10.13 11.06 0.85
N SER A 62 10.48 10.96 2.01
CA SER A 62 10.68 12.39 1.27
CA SER A 62 10.81 11.97 3.04
C SER A 62 11.45 12.96 0.07
C SER A 62 11.77 13.03 2.47
N ALA A 63 11.01 14.07 -0.43
N ALA A 63 12.10 12.93 1.21
CA ALA A 63 11.67 14.70 -1.60
CA ALA A 63 13.02 13.93 0.55
C ALA A 63 12.16 16.07 -1.19
C ALA A 63 12.41 14.22 -0.82
N PRO A 64 13.43 16.31 -1.36
N PRO A 64 11.23 14.82 -0.87
CA PRO A 64 13.93 17.49 -2.10
CA PRO A 64 10.52 15.17 -2.15
C PRO A 64 13.03 17.78 -3.31
C PRO A 64 11.30 16.18 -3.00
N ALA A 65 11.84 18.25 -3.04
N ALA A 65 10.71 16.82 -3.98
CA ALA A 65 10.86 18.57 -4.11
CA ALA A 65 11.51 17.81 -4.78
C ALA A 65 10.67 20.07 -4.14
C ALA A 65 11.26 19.24 -4.33
N THR A 66 11.72 20.81 -4.33
N THR A 66 12.26 20.07 -4.41
CA THR A 66 11.60 22.29 -4.36
CA THR A 66 12.17 21.50 -3.99
C THR A 66 11.00 22.73 -5.73
C THR A 66 11.46 22.40 -5.02
N ASP A 67 10.19 21.87 -6.27
N ASP A 67 10.27 22.02 -5.34
CA ASP A 67 9.52 22.05 -7.57
CA ASP A 67 9.45 22.77 -6.33
C ASP A 67 8.07 22.46 -7.47
C ASP A 67 8.00 22.56 -5.88
N GLY A 68 7.48 22.05 -6.40
N GLY A 68 7.03 22.83 -6.71
CA GLY A 68 6.05 22.37 -6.23
CA GLY A 68 5.63 22.62 -6.26
C GLY A 68 5.42 21.07 -6.73
C GLY A 68 5.16 21.25 -6.78
N SER A 69 6.16 20.01 -6.58
N SER A 69 5.94 20.25 -6.44
CA SER A 69 5.72 18.67 -7.00
CA SER A 69 5.63 18.86 -6.87
C SER A 69 5.07 18.14 -5.70
C SER A 69 4.95 18.22 -5.66
N GLY A 70 4.24 17.13 -5.85
CA GLY A 70 3.58 16.55 -4.66
C GLY A 70 4.60 15.57 -4.13
N THR A 71 4.34 15.09 -2.94
CA THR A 71 5.20 14.10 -2.21
C THR A 71 4.49 12.75 -2.44
N ALA A 72 5.16 11.83 -3.07
CA ALA A 72 4.54 10.53 -3.33
C ALA A 72 4.48 9.68 -2.02
N LEU A 73 3.42 8.97 -1.85
CA LEU A 73 3.23 8.10 -0.67
C LEU A 73 2.24 7.01 -0.98
N GLY A 74 2.06 6.11 -0.06
CA GLY A 74 1.10 5.02 -0.27
C GLY A 74 0.95 4.35 1.08
N TRP A 75 -0.12 3.64 1.28
CA TRP A 75 -0.33 2.94 2.55
C TRP A 75 -1.34 1.83 2.29
N THR A 76 -1.38 0.92 3.20
CA THR A 76 -2.27 -0.25 3.16
C THR A 76 -3.10 -0.41 4.46
N VAL A 77 -4.30 -0.92 4.32
CA VAL A 77 -5.22 -1.19 5.45
C VAL A 77 -5.74 -2.59 5.03
N ALA A 78 -5.69 -3.56 5.92
CA ALA A 78 -6.19 -4.97 5.68
C ALA A 78 -7.44 -4.71 6.53
N TRP A 79 -8.57 -5.06 6.03
CA TRP A 79 -9.83 -4.80 6.76
C TRP A 79 -10.19 -5.84 7.80
N LYS A 80 -9.33 -5.95 8.76
CA LYS A 80 -9.54 -6.89 9.89
C LYS A 80 -9.09 -6.17 11.13
N ASN A 81 -9.91 -6.24 12.12
CA ASN A 81 -9.57 -5.61 13.42
C ASN A 81 -10.15 -6.60 14.46
N ASN A 82 -10.37 -6.21 15.69
CA ASN A 82 -10.93 -7.15 16.74
C ASN A 82 -12.41 -7.29 16.72
N TYR A 83 -13.03 -6.56 15.84
CA TYR A 83 -14.52 -6.62 15.74
C TYR A 83 -14.94 -7.20 14.42
N ARG A 84 -14.21 -6.93 13.36
CA ARG A 84 -14.59 -7.46 12.03
C ARG A 84 -13.43 -7.90 11.22
N ASN A 85 -13.79 -8.63 10.21
CA ASN A 85 -12.79 -9.16 9.24
C ASN A 85 -13.50 -9.27 7.87
N ALA A 86 -13.18 -8.35 6.99
CA ALA A 86 -13.79 -8.35 5.62
C ALA A 86 -12.95 -9.18 4.63
N HIS A 87 -11.86 -9.72 5.06
CA HIS A 87 -10.95 -10.54 4.20
C HIS A 87 -10.58 -9.76 2.93
N SER A 88 -10.15 -8.56 3.09
CA SER A 88 -9.78 -7.76 1.91
C SER A 88 -8.74 -6.76 2.40
N ALA A 89 -8.08 -6.11 1.49
CA ALA A 89 -7.07 -5.12 1.88
C ALA A 89 -7.11 -4.07 0.77
N THR A 90 -6.88 -2.86 1.15
CA THR A 90 -6.87 -1.73 0.19
C THR A 90 -5.49 -1.05 0.26
N THR A 91 -4.98 -0.60 -0.85
CA THR A 91 -3.67 0.11 -0.86
C THR A 91 -4.06 1.46 -1.59
N TRP A 92 -3.61 2.56 -1.11
CA TRP A 92 -3.89 3.89 -1.68
C TRP A 92 -2.53 4.32 -2.20
N SER A 93 -2.45 4.79 -3.42
CA SER A 93 -1.18 5.26 -4.02
C SER A 93 -1.52 6.70 -4.42
N GLY A 94 -0.72 7.65 -4.00
CA GLY A 94 -1.04 9.05 -4.38
C GLY A 94 0.06 10.05 -4.10
N GLN A 95 -0.34 11.29 -4.00
CA GLN A 95 0.58 12.43 -3.73
C GLN A 95 -0.01 13.37 -2.70
N TYR A 96 0.84 13.89 -1.87
CA TYR A 96 0.44 14.86 -0.80
C TYR A 96 0.83 16.19 -1.47
N VAL A 97 -0.03 17.15 -1.38
CA VAL A 97 0.19 18.49 -1.96
C VAL A 97 -0.17 19.42 -0.79
N GLY A 98 0.83 20.12 -0.31
CA GLY A 98 0.57 21.03 0.85
C GLY A 98 0.16 22.41 0.38
N GLY A 99 0.09 23.30 1.32
CA GLY A 99 -0.31 24.70 1.02
C GLY A 99 -1.32 25.03 2.10
N ALA A 100 -2.10 26.04 1.88
CA ALA A 100 -3.11 26.40 2.92
C ALA A 100 -4.16 25.29 2.96
N GLU A 101 -4.44 24.76 1.80
CA GLU A 101 -5.46 23.64 1.67
C GLU A 101 -4.68 22.40 1.20
N ALA A 102 -4.23 21.67 2.19
CA ALA A 102 -3.46 20.45 1.88
C ALA A 102 -4.39 19.33 1.50
N ARG A 103 -3.96 18.64 0.50
CA ARG A 103 -4.73 17.49 -0.04
C ARG A 103 -3.81 16.27 -0.29
N ILE A 104 -4.43 15.12 -0.30
CA ILE A 104 -3.69 13.87 -0.59
C ILE A 104 -4.69 13.35 -1.64
N ASN A 105 -4.22 13.27 -2.86
CA ASN A 105 -5.05 12.78 -3.99
C ASN A 105 -4.60 11.34 -4.20
N THR A 106 -5.50 10.39 -4.22
CA THR A 106 -5.04 9.00 -4.42
C THR A 106 -5.92 8.19 -5.38
N GLN A 107 -5.39 7.03 -5.67
CA GLN A 107 -6.06 6.03 -6.52
C GLN A 107 -5.84 4.83 -5.63
N TRP A 108 -6.81 3.97 -5.53
CA TRP A 108 -6.68 2.79 -4.65
C TRP A 108 -7.13 1.52 -5.33
N LEU A 109 -6.66 0.43 -4.78
CA LEU A 109 -6.97 -0.96 -5.26
C LEU A 109 -7.45 -1.69 -3.99
N LEU A 110 -8.58 -2.31 -4.08
CA LEU A 110 -9.18 -3.06 -2.95
C LEU A 110 -9.25 -4.47 -3.43
N THR A 111 -8.50 -5.35 -2.86
CA THR A 111 -8.52 -6.77 -3.27
C THR A 111 -9.17 -7.61 -2.15
N SER A 112 -10.04 -8.49 -2.54
CA SER A 112 -10.75 -9.40 -1.59
C SER A 112 -10.13 -10.77 -1.78
N GLY A 113 -10.11 -11.60 -0.77
CA GLY A 113 -9.50 -12.94 -0.99
C GLY A 113 -10.61 -13.72 -1.73
N THR A 114 -10.25 -14.48 -2.72
CA THR A 114 -11.27 -15.26 -3.47
C THR A 114 -10.68 -16.63 -3.83
N THR A 115 -11.53 -17.41 -4.47
CA THR A 115 -11.15 -18.76 -4.92
C THR A 115 -10.48 -18.41 -6.28
N GLU A 116 -9.67 -19.32 -6.74
CA GLU A 116 -8.95 -19.14 -8.05
C GLU A 116 -9.92 -18.75 -9.13
N ALA A 117 -11.03 -19.40 -9.06
CA ALA A 117 -12.11 -19.17 -10.03
C ALA A 117 -12.67 -17.73 -10.10
N ASN A 118 -12.83 -17.09 -8.99
CA ASN A 118 -13.39 -15.70 -9.05
C ASN A 118 -12.35 -14.66 -8.86
N ALA A 119 -11.13 -15.10 -8.97
CA ALA A 119 -10.01 -14.17 -8.79
C ALA A 119 -10.13 -13.07 -9.83
N TRP A 120 -10.72 -13.35 -10.97
CA TRP A 120 -10.83 -12.25 -12.00
C TRP A 120 -11.63 -11.05 -11.49
N LYS A 121 -12.45 -11.26 -10.51
CA LYS A 121 -13.26 -10.15 -9.96
C LYS A 121 -12.82 -9.84 -8.51
N SER A 122 -11.57 -10.06 -8.22
CA SER A 122 -11.13 -9.79 -6.83
C SER A 122 -10.73 -8.35 -6.53
N THR A 123 -10.41 -7.58 -7.54
CA THR A 123 -9.97 -6.19 -7.29
C THR A 123 -10.77 -5.02 -7.80
N LEU A 124 -11.09 -4.12 -6.90
CA LEU A 124 -11.85 -2.90 -7.24
C LEU A 124 -10.82 -1.74 -7.33
N VAL A 125 -11.07 -0.74 -8.15
CA VAL A 125 -10.14 0.41 -8.27
C VAL A 125 -11.05 1.67 -8.14
N GLY A 126 -10.49 2.70 -7.56
CA GLY A 126 -11.23 3.97 -7.36
C GLY A 126 -10.23 5.04 -7.04
N HIS A 127 -10.77 6.15 -6.61
CA HIS A 127 -9.89 7.30 -6.24
C HIS A 127 -10.51 8.07 -5.07
N ASP A 128 -9.68 8.55 -4.21
CA ASP A 128 -10.16 9.33 -3.03
C ASP A 128 -9.26 10.57 -2.85
N THR A 129 -9.87 11.61 -2.38
CA THR A 129 -9.12 12.89 -2.14
C THR A 129 -9.35 13.12 -0.64
N PHE A 130 -8.27 13.43 0.03
CA PHE A 130 -8.31 13.68 1.47
C PHE A 130 -7.98 15.15 1.69
N THR A 131 -8.66 15.69 2.65
CA THR A 131 -8.52 17.11 3.06
C THR A 131 -8.06 17.07 4.49
N LYS A 132 -7.08 17.88 4.79
CA LYS A 132 -6.60 17.89 6.18
C LYS A 132 -7.49 18.78 7.10
N VAL A 133 -7.64 18.31 8.32
CA VAL A 133 -8.46 19.04 9.33
C VAL A 133 -7.53 19.39 10.52
N LYS A 134 -6.95 18.41 11.15
CA LYS A 134 -6.03 18.64 12.32
C LYS A 134 -4.65 18.10 11.93
N PRO A 135 -3.62 18.50 12.64
CA PRO A 135 -2.40 17.68 12.87
C PRO A 135 -2.68 16.53 13.87
N ALA B 13 -0.15 -22.17 3.26
CA ALA B 13 -0.90 -20.95 3.67
C ALA B 13 -0.51 -19.95 4.79
N GLU B 14 -0.79 -20.15 6.05
CA GLU B 14 -0.34 -19.09 7.02
C GLU B 14 1.18 -19.23 7.07
N ALA B 15 1.81 -18.29 7.71
CA ALA B 15 3.30 -18.21 7.89
C ALA B 15 3.94 -18.05 6.53
N GLY B 16 3.81 -19.05 5.70
CA GLY B 16 4.33 -19.15 4.31
C GLY B 16 4.42 -17.86 3.48
N ILE B 17 3.87 -16.74 3.92
CA ILE B 17 4.00 -15.52 3.11
C ILE B 17 5.46 -15.18 3.41
N THR B 18 5.84 -15.40 4.63
CA THR B 18 7.24 -15.12 5.01
C THR B 18 8.20 -15.91 4.03
N GLY B 19 9.18 -15.23 3.53
CA GLY B 19 10.12 -15.88 2.61
C GLY B 19 10.62 -14.85 1.63
N THR B 20 11.34 -15.34 0.66
CA THR B 20 11.94 -14.51 -0.41
C THR B 20 11.09 -14.85 -1.62
N TRP B 21 10.60 -13.86 -2.31
CA TRP B 21 9.77 -14.12 -3.50
C TRP B 21 10.39 -13.37 -4.64
N TYR B 22 10.12 -13.85 -5.82
CA TYR B 22 10.65 -13.22 -7.05
C TYR B 22 9.49 -13.02 -8.02
N ASN B 23 9.58 -12.01 -8.85
CA ASN B 23 8.47 -11.78 -9.82
C ASN B 23 9.04 -12.01 -11.20
N GLN B 24 8.18 -11.93 -12.17
CA GLN B 24 8.60 -12.12 -13.60
C GLN B 24 9.75 -11.20 -14.04
N LEU B 25 9.79 -10.00 -13.50
CA LEU B 25 10.85 -9.00 -13.85
C LEU B 25 12.21 -9.35 -13.22
N GLY B 26 12.19 -10.18 -12.22
CA GLY B 26 13.45 -10.57 -11.54
C GLY B 26 13.56 -9.81 -10.22
N SER B 27 12.57 -9.00 -9.93
CA SER B 27 12.62 -8.24 -8.66
C SER B 27 12.55 -9.27 -7.53
N THR B 28 13.08 -8.92 -6.40
CA THR B 28 13.06 -9.86 -5.25
C THR B 28 12.54 -9.14 -4.04
N PHE B 29 11.74 -9.82 -3.27
CA PHE B 29 11.24 -9.12 -2.08
C PHE B 29 11.27 -10.24 -1.05
N ILE B 30 11.74 -9.79 0.07
CA ILE B 30 11.91 -10.62 1.27
C ILE B 30 10.93 -10.06 2.26
N VAL B 31 10.02 -10.86 2.74
CA VAL B 31 9.04 -10.35 3.72
C VAL B 31 8.92 -11.25 4.93
N THR B 32 8.45 -10.65 5.97
CA THR B 32 8.22 -11.33 7.24
C THR B 32 6.75 -10.97 7.54
N ALA B 33 5.96 -11.97 7.81
CA ALA B 33 4.54 -11.72 8.12
C ALA B 33 4.42 -11.92 9.65
N GLY B 34 3.94 -10.93 10.34
CA GLY B 34 3.80 -11.01 11.82
C GLY B 34 2.45 -11.58 12.11
N ALA B 35 2.34 -12.23 13.23
CA ALA B 35 1.05 -12.87 13.67
C ALA B 35 -0.19 -12.05 13.64
N ASP B 36 -0.02 -10.77 13.79
CA ASP B 36 -1.21 -9.87 13.79
C ASP B 36 -1.52 -9.09 12.51
N GLY B 37 -0.93 -9.44 11.40
CA GLY B 37 -1.27 -8.66 10.16
C GLY B 37 -0.22 -7.80 9.58
N ALA B 38 0.92 -7.72 10.17
CA ALA B 38 1.91 -6.83 9.56
C ALA B 38 2.81 -7.54 8.59
N LEU B 39 3.31 -6.80 7.67
CA LEU B 39 4.25 -7.33 6.65
C LEU B 39 5.40 -6.35 6.69
N THR B 40 6.60 -6.86 6.80
CA THR B 40 7.81 -6.01 6.85
C THR B 40 8.90 -6.71 5.99
N GLY B 41 9.78 -5.98 5.39
CA GLY B 41 10.84 -6.61 4.57
C GLY B 41 11.52 -5.60 3.65
N THR B 42 12.21 -6.11 2.66
CA THR B 42 12.93 -5.25 1.67
C THR B 42 12.53 -5.67 0.24
N TYR B 43 12.65 -4.70 -0.66
CA TYR B 43 12.30 -4.92 -2.09
C TYR B 43 13.50 -4.47 -2.92
N GLU B 44 13.84 -5.21 -3.92
CA GLU B 44 15.00 -4.89 -4.82
C GLU B 44 14.34 -5.04 -6.20
N SER B 45 14.20 -3.97 -6.97
CA SER B 45 13.53 -4.09 -8.32
C SER B 45 14.62 -4.27 -9.36
N ALA B 46 14.14 -4.78 -10.47
CA ALA B 46 15.00 -5.06 -11.65
C ALA B 46 14.77 -3.96 -12.72
N VAL B 47 13.79 -3.13 -12.49
CA VAL B 47 13.48 -2.03 -13.48
C VAL B 47 13.21 -0.70 -12.82
N GLY B 48 13.31 0.34 -13.61
CA GLY B 48 13.06 1.74 -13.11
C GLY B 48 14.31 2.43 -12.55
N ASN B 49 14.02 3.50 -11.84
CA ASN B 49 15.07 4.36 -11.18
C ASN B 49 15.04 3.85 -9.72
N ALA B 50 15.60 2.68 -9.63
CA ALA B 50 15.71 1.96 -8.35
C ALA B 50 17.16 1.44 -8.32
N GLU B 51 17.72 1.31 -7.16
CA GLU B 51 19.13 0.82 -6.96
C GLU B 51 19.28 0.28 -5.53
N SER B 52 19.33 -1.01 -5.38
CA SER B 52 19.49 -1.72 -4.08
C SER B 52 18.11 -2.08 -3.55
N ARG B 53 18.12 -2.24 -2.28
CA ARG B 53 16.96 -2.60 -1.45
C ARG B 53 16.29 -1.33 -1.03
N TYR B 54 15.01 -1.48 -0.85
CA TYR B 54 14.11 -0.39 -0.42
C TYR B 54 13.26 -1.06 0.67
N VAL B 55 12.88 -0.32 1.66
CA VAL B 55 12.07 -0.89 2.75
C VAL B 55 10.64 -0.97 2.28
N LEU B 56 9.95 -1.98 2.74
CA LEU B 56 8.54 -2.13 2.34
C LEU B 56 7.74 -2.40 3.60
N THR B 57 6.51 -1.97 3.65
CA THR B 57 5.70 -2.25 4.85
C THR B 57 4.30 -2.45 4.26
N GLY B 58 3.57 -3.32 4.87
CA GLY B 58 2.21 -3.64 4.44
C GLY B 58 1.39 -4.30 5.54
N ARG B 59 0.33 -4.90 5.10
CA ARG B 59 -0.61 -5.61 5.99
C ARG B 59 -1.28 -6.78 5.21
N TYR B 60 -1.72 -7.77 5.92
N TYR B 60 -1.72 -7.76 5.93
CA TYR B 60 -2.38 -8.92 5.26
CA TYR B 60 -2.39 -8.93 5.32
C TYR B 60 -3.59 -9.18 6.17
C TYR B 60 -3.46 -9.41 6.30
N ASP B 61 -4.57 -9.86 5.66
N ASP B 61 -4.34 -10.24 5.81
CA ASP B 61 -5.80 -10.16 6.47
CA ASP B 61 -5.47 -10.82 6.63
C ASP B 61 -5.73 -11.60 6.97
C ASP B 61 -4.84 -11.98 7.41
N SER B 62 -5.57 -11.80 8.25
N SER B 62 -4.71 -11.80 8.70
CA SER B 62 -5.49 -13.19 8.78
CA SER B 62 -4.09 -12.86 9.58
C SER B 62 -6.94 -13.61 9.05
C SER B 62 -5.10 -13.98 9.94
N ALA B 63 -7.37 -14.55 8.28
N ALA B 63 -6.33 -13.84 9.52
CA ALA B 63 -8.75 -15.08 8.39
CA ALA B 63 -7.44 -14.81 9.75
C ALA B 63 -8.84 -16.59 8.37
C ALA B 63 -8.24 -14.92 8.44
N PRO B 64 -9.98 -17.12 8.77
N PRO B 64 -7.63 -15.38 7.36
CA PRO B 64 -10.48 -18.37 8.14
CA PRO B 64 -8.33 -15.55 6.06
C PRO B 64 -11.05 -18.12 6.74
C PRO B 64 -9.49 -16.54 6.28
N ALA B 65 -10.73 -19.04 5.86
N ALA B 65 -10.37 -16.58 5.33
CA ALA B 65 -11.16 -19.03 4.43
CA ALA B 65 -11.53 -17.51 5.47
C ALA B 65 -11.52 -20.47 4.03
C ALA B 65 -11.06 -18.95 5.34
N THR B 66 -12.40 -21.10 4.77
N THR B 66 -11.83 -19.83 5.91
CA THR B 66 -12.80 -22.51 4.45
CA THR B 66 -11.53 -21.28 5.91
C THR B 66 -13.01 -22.76 2.95
C THR B 66 -12.28 -21.93 4.73
N ASP B 67 -13.59 -21.78 2.32
N ASP B 67 -12.16 -21.32 3.60
CA ASP B 67 -13.86 -21.91 0.85
CA ASP B 67 -12.83 -21.84 2.38
C ASP B 67 -12.60 -21.54 0.07
C ASP B 67 -11.68 -21.84 1.38
N GLY B 68 -11.58 -22.31 0.31
N GLY B 68 -11.86 -22.27 0.16
CA GLY B 68 -10.24 -22.14 -0.33
CA GLY B 68 -10.69 -22.24 -0.76
C GLY B 68 -10.01 -20.82 -1.07
C GLY B 68 -10.40 -20.85 -1.30
N SER B 69 -10.05 -19.74 -0.31
N SER B 69 -10.04 -19.90 -0.47
CA SER B 69 -9.82 -18.42 -0.94
CA SER B 69 -9.76 -18.52 -0.97
C SER B 69 -8.37 -18.02 -0.62
C SER B 69 -8.31 -18.09 -0.66
N GLY B 70 -7.91 -17.01 -1.27
CA GLY B 70 -6.52 -16.52 -1.03
C GLY B 70 -6.57 -15.58 0.17
N THR B 71 -5.40 -15.18 0.60
CA THR B 71 -5.23 -14.26 1.75
C THR B 71 -4.91 -12.85 1.15
N ALA B 72 -5.80 -11.93 1.40
CA ALA B 72 -5.64 -10.54 0.89
C ALA B 72 -4.47 -9.87 1.62
N LEU B 73 -3.73 -9.11 0.85
CA LEU B 73 -2.58 -8.37 1.40
C LEU B 73 -2.22 -7.22 0.47
N GLY B 74 -1.38 -6.36 0.97
CA GLY B 74 -0.90 -5.20 0.19
C GLY B 74 0.35 -4.65 0.86
N TRP B 75 1.14 -3.93 0.15
CA TRP B 75 2.34 -3.36 0.74
C TRP B 75 2.70 -2.17 -0.16
N THR B 76 3.54 -1.34 0.44
CA THR B 76 4.05 -0.10 -0.20
C THR B 76 5.55 -0.04 -0.12
N VAL B 77 6.13 0.60 -1.13
CA VAL B 77 7.58 0.83 -1.26
C VAL B 77 7.64 2.31 -1.79
N ALA B 78 8.37 3.15 -1.11
CA ALA B 78 8.57 4.58 -1.47
C ALA B 78 9.94 4.31 -2.08
N TRP B 79 10.18 4.83 -3.26
CA TRP B 79 11.48 4.56 -3.93
C TRP B 79 12.63 5.52 -3.62
N LYS B 80 12.91 5.54 -2.36
CA LYS B 80 13.97 6.36 -1.83
C LYS B 80 14.80 5.49 -0.88
N ASN B 81 16.08 5.45 -1.03
CA ASN B 81 16.95 4.66 -0.10
C ASN B 81 18.26 5.49 0.02
N ASN B 82 19.32 4.97 0.59
CA ASN B 82 20.56 5.82 0.69
C ASN B 82 21.25 6.04 -0.62
N TYR B 83 20.83 5.35 -1.64
CA TYR B 83 21.45 5.49 -2.98
C TYR B 83 20.63 6.32 -3.98
N ARG B 84 19.34 6.09 -4.07
CA ARG B 84 18.46 6.85 -5.03
C ARG B 84 17.11 7.29 -4.42
N ASN B 85 16.51 8.27 -5.06
CA ASN B 85 15.20 8.83 -4.64
C ASN B 85 14.53 9.02 -6.01
N ALA B 86 13.56 8.22 -6.35
CA ALA B 86 12.91 8.38 -7.67
C ALA B 86 11.64 9.19 -7.53
N HIS B 87 11.40 9.71 -6.35
CA HIS B 87 10.19 10.55 -5.97
C HIS B 87 8.92 9.88 -6.46
N SER B 88 8.78 8.65 -6.06
CA SER B 88 7.59 7.83 -6.44
C SER B 88 7.40 6.76 -5.37
N ALA B 89 6.24 6.16 -5.43
CA ALA B 89 5.89 5.10 -4.44
C ALA B 89 5.02 4.13 -5.16
N THR B 90 5.20 2.89 -4.86
CA THR B 90 4.38 1.83 -5.49
C THR B 90 3.60 1.06 -4.39
N THR B 91 2.38 0.71 -4.68
CA THR B 91 1.60 -0.07 -3.71
C THR B 91 1.19 -1.31 -4.53
N TRP B 92 1.24 -2.48 -3.94
CA TRP B 92 0.85 -3.73 -4.64
C TRP B 92 -0.35 -4.21 -3.77
N SER B 93 -1.41 -4.63 -4.41
CA SER B 93 -2.65 -5.12 -3.70
C SER B 93 -2.92 -6.49 -4.33
N GLY B 94 -3.12 -7.54 -3.57
CA GLY B 94 -3.39 -8.83 -4.25
C GLY B 94 -3.71 -9.89 -3.24
N GLN B 95 -3.49 -11.11 -3.58
CA GLN B 95 -3.79 -12.17 -2.59
C GLN B 95 -2.75 -13.27 -2.72
N TYR B 96 -2.54 -13.91 -1.62
CA TYR B 96 -1.56 -15.02 -1.54
C TYR B 96 -2.33 -16.30 -1.57
N VAL B 97 -1.77 -17.27 -2.21
CA VAL B 97 -2.43 -18.57 -2.32
C VAL B 97 -1.29 -19.55 -2.11
N GLY B 98 -1.50 -20.46 -1.21
CA GLY B 98 -0.41 -21.45 -0.95
C GLY B 98 -0.68 -22.73 -1.71
N GLY B 99 0.08 -23.73 -1.38
CA GLY B 99 -0.04 -25.05 -2.03
C GLY B 99 1.38 -25.42 -2.40
N ALA B 100 1.55 -26.53 -3.07
CA ALA B 100 2.93 -26.94 -3.46
C ALA B 100 3.65 -25.74 -4.12
N GLU B 101 2.92 -24.99 -4.91
CA GLU B 101 3.48 -23.80 -5.60
C GLU B 101 2.67 -22.57 -5.13
N ALA B 102 3.23 -21.87 -4.20
CA ALA B 102 2.52 -20.69 -3.67
C ALA B 102 2.91 -19.53 -4.53
N ARG B 103 2.00 -18.62 -4.59
CA ARG B 103 2.21 -17.39 -5.39
C ARG B 103 1.39 -16.25 -4.80
N ILE B 104 1.80 -15.09 -5.18
CA ILE B 104 1.14 -13.85 -4.74
C ILE B 104 0.82 -13.16 -6.08
N ASN B 105 -0.45 -13.01 -6.31
CA ASN B 105 -0.93 -12.35 -7.56
C ASN B 105 -1.29 -10.93 -7.16
N THR B 106 -0.68 -9.97 -7.81
CA THR B 106 -0.96 -8.52 -7.48
C THR B 106 -1.19 -7.61 -8.71
N GLN B 107 -1.73 -6.46 -8.41
CA GLN B 107 -2.01 -5.38 -9.37
C GLN B 107 -1.31 -4.26 -8.56
N TRP B 108 -0.63 -3.38 -9.22
CA TRP B 108 0.07 -2.28 -8.50
C TRP B 108 -0.21 -0.93 -9.13
N LEU B 109 0.05 0.08 -8.35
CA LEU B 109 -0.13 1.51 -8.73
C LEU B 109 1.21 2.16 -8.34
N LEU B 110 1.78 2.86 -9.29
CA LEU B 110 3.07 3.55 -9.09
C LEU B 110 2.71 5.00 -9.32
N THR B 111 2.84 5.83 -8.32
CA THR B 111 2.53 7.28 -8.44
C THR B 111 3.88 8.04 -8.30
N SER B 112 4.08 9.00 -9.16
CA SER B 112 5.32 9.81 -9.09
C SER B 112 4.83 11.17 -8.58
N GLY B 113 5.66 11.89 -7.86
CA GLY B 113 5.20 13.22 -7.35
C GLY B 113 5.30 14.17 -8.62
N THR B 114 4.24 14.86 -8.98
CA THR B 114 4.24 15.77 -10.16
C THR B 114 3.76 17.13 -9.75
N THR B 115 3.85 18.03 -10.67
CA THR B 115 3.38 19.41 -10.43
C THR B 115 1.88 19.21 -10.77
N GLU B 116 0.99 20.08 -10.34
CA GLU B 116 -0.46 19.86 -10.68
C GLU B 116 -0.56 19.65 -12.20
N ALA B 117 0.16 20.46 -12.92
CA ALA B 117 0.18 20.36 -14.42
C ALA B 117 0.26 18.94 -14.96
N ASN B 118 0.97 18.12 -14.27
CA ASN B 118 1.11 16.74 -14.78
C ASN B 118 0.49 15.71 -13.93
N ALA B 119 -0.36 16.12 -13.06
CA ALA B 119 -1.02 15.10 -12.19
C ALA B 119 -1.79 14.05 -13.00
N TRP B 120 -2.45 14.45 -14.07
CA TRP B 120 -3.22 13.46 -14.92
C TRP B 120 -2.38 12.24 -15.32
N LYS B 121 -1.09 12.43 -15.47
CA LYS B 121 -0.25 11.31 -15.86
C LYS B 121 0.72 10.94 -14.75
N SER B 122 0.27 10.98 -13.54
CA SER B 122 1.17 10.62 -12.41
C SER B 122 1.19 9.14 -11.99
N THR B 123 0.15 8.39 -12.35
CA THR B 123 0.05 6.97 -11.96
C THR B 123 0.00 5.87 -13.03
N LEU B 124 0.89 4.93 -12.89
CA LEU B 124 1.05 3.77 -13.78
C LEU B 124 0.38 2.63 -13.04
N VAL B 125 -0.12 1.70 -13.78
CA VAL B 125 -0.79 0.54 -13.20
C VAL B 125 -0.24 -0.65 -13.96
N GLY B 126 -0.11 -1.73 -13.25
CA GLY B 126 0.41 -2.99 -13.81
C GLY B 126 0.01 -4.15 -12.88
N HIS B 127 0.59 -5.28 -13.16
CA HIS B 127 0.35 -6.52 -12.37
C HIS B 127 1.68 -7.30 -12.22
N ASP B 128 1.85 -7.98 -11.13
CA ASP B 128 3.09 -8.78 -10.88
C ASP B 128 2.68 -10.07 -10.22
N THR B 129 3.34 -11.14 -10.57
CA THR B 129 2.99 -12.43 -9.94
C THR B 129 4.35 -12.80 -9.32
N PHE B 130 4.29 -13.19 -8.07
CA PHE B 130 5.50 -13.58 -7.32
C PHE B 130 5.45 -15.06 -6.97
N THR B 131 6.57 -15.73 -7.06
CA THR B 131 6.68 -17.19 -6.70
C THR B 131 7.98 -17.25 -5.91
N LYS B 132 8.21 -18.37 -5.27
CA LYS B 132 9.45 -18.55 -4.46
C LYS B 132 10.53 -19.24 -5.26
N VAL B 133 10.38 -19.18 -6.55
CA VAL B 133 11.32 -19.80 -7.52
C VAL B 133 12.12 -18.66 -8.22
C11 IMI C . -14.49 -3.70 2.90
O11 IMI C . -15.66 -3.42 2.61
O12 IMI C . -13.84 -4.60 2.37
C10 IMI C . -13.85 -2.87 4.01
C9 IMI C . -14.17 -1.40 3.87
C8 IMI C . -13.87 -0.94 2.41
C7 IMI C . -13.81 0.62 2.38
C2 IMI C . -13.19 1.16 1.06
S1 IMI C . -11.40 1.02 0.76
C6 IMI C . -11.47 2.43 -0.36
C5 IMI C . -12.70 3.38 -0.13
N1 IMI C . -12.30 4.56 0.71
C3 IMI C . -12.77 4.48 1.91
N3 IMI C . -12.49 5.33 2.83
N2 IMI C . -13.55 3.45 2.08
C4 IMI C . -13.70 2.64 0.84
H101 IMI C . -12.79 -3.00 3.94
H102 IMI C . -14.18 -3.27 4.96
H91 IMI C . -15.20 -1.22 4.14
H92 IMI C . -13.55 -0.85 4.56
H81 IMI C . -12.94 -1.36 2.09
H82 IMI C . -14.65 -1.28 1.74
H71 IMI C . -14.82 1.00 2.49
H72 IMI C . -13.23 0.98 3.23
H2 IMI C . -13.64 0.58 0.28
H61 IMI C . -11.51 2.04 -1.37
H62 IMI C . -10.55 2.98 -0.26
H5 IMI C . -13.18 3.69 -1.04
HN1 IMI C . -11.76 5.30 0.38
HN3 IMI C . -12.85 5.26 3.75
HN2 IMI C . -13.98 3.24 2.93
H4 IMI C . -14.72 2.68 0.47
HN32 IMI C . -11.91 6.10 2.70
C11 IMI D . 10.72 3.95 -10.53
O11 IMI D . 11.16 3.67 -11.65
O12 IMI D . 9.91 4.84 -10.36
C10 IMI D . 11.24 3.15 -9.30
C9 IMI D . 11.25 1.62 -9.59
C8 IMI D . 9.88 1.16 -10.11
C7 IMI D . 9.89 -0.38 -10.21
C2 IMI D . 8.41 -0.82 -10.48
S1 IMI D . 7.23 -0.82 -9.14
C6 IMI D . 6.14 -1.88 -10.09
C5 IMI D . 6.92 -2.75 -11.09
N1 IMI D . 7.21 -4.08 -10.51
C3 IMI D . 8.46 -4.23 -10.20
N3 IMI D . 8.95 -5.29 -9.64
N2 IMI D . 9.18 -3.21 -10.52
C4 IMI D . 8.37 -2.17 -11.23
H101 IMI D . 12.24 3.49 -9.06
H102 IMI D . 10.60 3.37 -8.45
H91 IMI D . 12.02 1.39 -10.30
H92 IMI D . 11.47 1.10 -8.68
H81 IMI D . 9.11 1.49 -9.42
H82 IMI D . 9.69 1.59 -11.08
H71 IMI D . 10.53 -0.68 -11.04
H72 IMI D . 10.26 -0.83 -9.30
H2 IMI D . 8.03 -0.10 -11.20
H61 IMI D . 5.43 -1.27 -10.60
H62 IMI D . 5.60 -2.53 -9.41
H5 IMI D . 6.41 -2.86 -12.04
HN1 IMI D . 6.52 -4.76 -10.37
HN3 IMI D . 9.91 -5.39 -9.41
HN2 IMI D . 10.14 -3.11 -10.33
H4 IMI D . 8.67 -2.08 -12.26
HN32 IMI D . 8.43 -6.07 -9.38
#